data_5L2H
#
_entry.id   5L2H
#
_cell.length_a   59.350
_cell.length_b   61.709
_cell.length_c   59.515
_cell.angle_alpha   90.000
_cell.angle_beta   100.410
_cell.angle_gamma   90.000
#
_symmetry.space_group_name_H-M   'P 1 21 1'
#
loop_
_entity.id
_entity.type
_entity.pdbx_description
1 polymer Centyrin
2 non-polymer GLYCEROL
3 water water
#
_entity_poly.entity_id   1
_entity_poly.type   'polypeptide(L)'
_entity_poly.pdbx_seq_one_letter_code
;MLPAPKNLVVSEVTEDSARLSWDDPAAFYESFLIQYQESEKVGEAIVLTVPGSERSYDLTGLKPGTEYTVSIYGVHNVYK
DTNMRGLPLSAIFTTGGHHHHHH
;
_entity_poly.pdbx_strand_id   A,B,C,D
#
loop_
_chem_comp.id
_chem_comp.type
_chem_comp.name
_chem_comp.formula
GOL non-polymer GLYCEROL 'C3 H8 O3'
#
# COMPACT_ATOMS: atom_id res chain seq x y z
N MET A 1 -5.42 25.52 13.03
CA MET A 1 -5.91 24.80 11.85
C MET A 1 -5.54 23.32 11.89
N LEU A 2 -6.52 22.44 11.69
CA LEU A 2 -6.25 20.99 11.78
C LEU A 2 -5.26 20.60 10.68
N PRO A 3 -4.21 19.84 11.03
CA PRO A 3 -3.05 19.72 10.16
C PRO A 3 -3.28 18.79 8.98
N ALA A 4 -2.58 19.08 7.91
CA ALA A 4 -2.52 18.15 6.79
C ALA A 4 -1.76 16.90 7.20
N PRO A 5 -2.08 15.74 6.62
CA PRO A 5 -1.16 14.61 6.70
C PRO A 5 0.18 15.01 6.11
N LYS A 6 1.19 14.16 6.27
CA LYS A 6 2.53 14.52 5.85
C LYS A 6 3.05 13.58 4.77
N ASN A 7 3.98 14.11 3.97
CA ASN A 7 4.83 13.30 3.07
C ASN A 7 4.01 12.46 2.08
N LEU A 8 3.25 13.15 1.23
CA LEU A 8 2.57 12.46 0.14
C LEU A 8 3.58 12.02 -0.91
N VAL A 9 3.60 10.72 -1.19
CA VAL A 9 4.52 10.13 -2.17
C VAL A 9 3.68 9.47 -3.25
N VAL A 10 3.91 9.84 -4.49
CA VAL A 10 3.22 9.21 -5.62
C VAL A 10 4.22 8.27 -6.29
N SER A 11 3.85 7.00 -6.43
CA SER A 11 4.76 6.00 -6.98
C SER A 11 3.96 5.01 -7.82
N GLU A 12 4.66 4.04 -8.41
CA GLU A 12 4.04 2.99 -9.23
C GLU A 12 3.07 3.56 -10.26
N VAL A 13 3.45 4.66 -10.91
CA VAL A 13 2.56 5.32 -11.86
C VAL A 13 2.58 4.50 -13.14
N THR A 14 1.40 4.04 -13.57
CA THR A 14 1.30 3.28 -14.82
C THR A 14 0.43 4.04 -15.80
N GLU A 15 -0.05 3.36 -16.84
CA GLU A 15 -0.94 4.02 -17.79
C GLU A 15 -2.31 4.29 -17.20
N ASP A 16 -2.69 3.60 -16.12
CA ASP A 16 -4.05 3.74 -15.61
C ASP A 16 -4.12 3.69 -14.08
N SER A 17 -3.00 3.85 -13.39
CA SER A 17 -3.03 3.75 -11.94
C SER A 17 -1.86 4.50 -11.34
N ALA A 18 -1.96 4.77 -10.04
CA ALA A 18 -0.84 5.32 -9.31
C ALA A 18 -1.04 4.97 -7.85
N ARG A 19 0.06 4.81 -7.13
CA ARG A 19 0.01 4.54 -5.70
C ARG A 19 0.28 5.84 -4.95
N LEU A 20 -0.62 6.14 -3.99
CA LEU A 20 -0.44 7.21 -3.03
C LEU A 20 -0.01 6.62 -1.69
N SER A 21 0.90 7.33 -1.02
CA SER A 21 1.38 7.00 0.31
CA SER A 21 1.40 7.00 0.31
C SER A 21 1.43 8.29 1.11
N TRP A 22 1.03 8.23 2.38
CA TRP A 22 1.11 9.43 3.23
C TRP A 22 1.41 8.99 4.65
N ASP A 23 1.70 9.95 5.53
CA ASP A 23 1.96 9.70 6.93
C ASP A 23 1.00 10.52 7.80
N ASP A 24 0.58 9.97 8.95
CA ASP A 24 -0.20 10.71 9.96
C ASP A 24 0.50 10.41 11.27
N PRO A 25 1.60 11.11 11.57
CA PRO A 25 2.55 10.57 12.56
C PRO A 25 1.94 10.38 13.93
N ALA A 26 0.98 11.22 14.32
CA ALA A 26 0.32 11.10 15.61
C ALA A 26 -0.87 10.14 15.60
N ALA A 27 -1.21 9.60 14.43
CA ALA A 27 -2.39 8.75 14.27
C ALA A 27 -3.62 9.45 14.83
N PHE A 28 -3.76 10.73 14.47
CA PHE A 28 -4.85 11.53 15.02
C PHE A 28 -6.18 11.27 14.31
N TYR A 29 -6.16 11.12 12.98
CA TYR A 29 -7.40 11.16 12.18
C TYR A 29 -8.08 9.80 12.17
N GLU A 30 -9.40 9.81 12.28
CA GLU A 30 -10.13 8.55 12.27
C GLU A 30 -10.33 8.00 10.85
N SER A 31 -10.27 8.85 9.84
CA SER A 31 -10.40 8.42 8.46
C SER A 31 -9.73 9.48 7.59
N PHE A 32 -9.57 9.15 6.30
CA PHE A 32 -9.05 10.09 5.33
C PHE A 32 -10.00 10.20 4.16
N LEU A 33 -9.95 11.34 3.50
CA LEU A 33 -10.73 11.60 2.30
C LEU A 33 -9.71 11.87 1.20
N ILE A 34 -9.81 11.12 0.10
CA ILE A 34 -8.97 11.32 -1.07
C ILE A 34 -9.84 11.88 -2.18
N GLN A 35 -9.44 13.00 -2.75
CA GLN A 35 -10.16 13.62 -3.85
C GLN A 35 -9.20 13.73 -5.02
N TYR A 36 -9.63 13.29 -6.20
CA TYR A 36 -8.73 13.40 -7.34
C TYR A 36 -9.55 13.77 -8.56
N GLN A 37 -8.88 14.41 -9.52
CA GLN A 37 -9.57 15.00 -10.65
C GLN A 37 -8.53 15.22 -11.74
N GLU A 38 -8.95 15.05 -12.99
CA GLU A 38 -8.14 15.51 -14.11
C GLU A 38 -7.88 17.01 -13.95
N SER A 39 -6.61 17.39 -14.04
CA SER A 39 -6.22 18.77 -13.77
C SER A 39 -6.93 19.74 -14.67
N GLU A 40 -7.23 19.35 -15.91
CA GLU A 40 -7.85 20.23 -16.88
C GLU A 40 -9.38 20.28 -16.76
N LYS A 41 -9.98 19.40 -15.97
CA LYS A 41 -11.43 19.32 -15.86
C LYS A 41 -11.93 20.15 -14.68
N VAL A 42 -13.19 20.54 -14.78
CA VAL A 42 -13.89 21.26 -13.72
C VAL A 42 -15.11 20.45 -13.32
N GLY A 43 -15.34 20.36 -12.01
CA GLY A 43 -16.54 19.74 -11.50
C GLY A 43 -16.66 18.25 -11.72
N GLU A 44 -15.56 17.55 -11.98
CA GLU A 44 -15.56 16.11 -12.22
C GLU A 44 -14.68 15.37 -11.22
N ALA A 45 -14.67 15.83 -9.98
CA ALA A 45 -13.79 15.22 -8.99
C ALA A 45 -14.39 13.91 -8.47
N ILE A 46 -13.51 12.95 -8.18
CA ILE A 46 -13.89 11.70 -7.53
C ILE A 46 -13.45 11.79 -6.09
N VAL A 47 -14.28 11.31 -5.17
CA VAL A 47 -14.03 11.39 -3.73
C VAL A 47 -14.13 10.00 -3.13
N LEU A 48 -13.07 9.57 -2.45
CA LEU A 48 -12.99 8.26 -1.83
C LEU A 48 -12.81 8.46 -0.33
N THR A 49 -13.47 7.62 0.48
CA THR A 49 -13.23 7.61 1.92
C THR A 49 -12.37 6.40 2.25
N VAL A 50 -11.39 6.59 3.13
CA VAL A 50 -10.54 5.46 3.50
CA VAL A 50 -10.39 5.58 3.49
C VAL A 50 -10.36 5.42 5.01
N PRO A 51 -10.35 4.21 5.58
CA PRO A 51 -10.21 4.11 7.04
C PRO A 51 -8.91 4.70 7.57
N GLY A 52 -8.97 5.15 8.82
CA GLY A 52 -7.83 5.84 9.42
C GLY A 52 -6.63 4.94 9.64
N SER A 53 -6.82 3.63 9.56
CA SER A 53 -5.74 2.67 9.68
C SER A 53 -4.81 2.68 8.46
N GLU A 54 -5.27 3.20 7.32
CA GLU A 54 -4.52 3.15 6.08
C GLU A 54 -3.53 4.31 5.94
N ARG A 55 -2.43 4.03 5.22
CA ARG A 55 -1.43 5.05 4.88
C ARG A 55 -1.10 5.00 3.38
N SER A 56 -1.92 4.32 2.61
CA SER A 56 -1.63 4.21 1.18
C SER A 56 -2.92 3.88 0.47
N TYR A 57 -2.93 4.14 -0.84
CA TYR A 57 -4.13 3.83 -1.60
C TYR A 57 -3.73 3.78 -3.07
N ASP A 58 -4.27 2.80 -3.80
CA ASP A 58 -3.99 2.68 -5.24
C ASP A 58 -5.12 3.30 -6.05
N LEU A 59 -4.82 4.41 -6.72
CA LEU A 59 -5.76 4.99 -7.68
C LEU A 59 -5.79 4.11 -8.92
N THR A 60 -6.99 3.80 -9.41
CA THR A 60 -7.14 2.95 -10.58
C THR A 60 -8.18 3.54 -11.52
N GLY A 61 -8.28 2.95 -12.71
CA GLY A 61 -9.21 3.45 -13.71
C GLY A 61 -8.88 4.83 -14.23
N LEU A 62 -7.63 5.25 -14.13
CA LEU A 62 -7.20 6.54 -14.63
C LEU A 62 -7.03 6.48 -16.15
N LYS A 63 -7.11 7.66 -16.79
CA LYS A 63 -6.89 7.76 -18.24
C LYS A 63 -5.40 7.86 -18.53
N PRO A 64 -4.93 7.25 -19.62
CA PRO A 64 -3.49 7.31 -19.94
C PRO A 64 -3.05 8.69 -20.39
N GLY A 65 -1.77 8.97 -20.17
CA GLY A 65 -1.17 10.25 -20.56
C GLY A 65 -1.91 11.47 -20.07
N THR A 66 -2.52 11.39 -18.87
CA THR A 66 -3.39 12.44 -18.38
C THR A 66 -2.88 12.97 -17.04
N GLU A 67 -2.92 14.29 -16.88
CA GLU A 67 -2.49 14.91 -15.63
C GLU A 67 -3.64 14.97 -14.64
N TYR A 68 -3.37 14.55 -13.40
CA TYR A 68 -4.32 14.51 -12.30
C TYR A 68 -3.81 15.34 -11.14
N THR A 69 -4.75 15.94 -10.41
CA THR A 69 -4.49 16.55 -9.12
C THR A 69 -5.15 15.68 -8.06
N VAL A 70 -4.43 15.43 -6.96
CA VAL A 70 -4.96 14.60 -5.88
C VAL A 70 -4.73 15.31 -4.57
N SER A 71 -5.73 15.28 -3.70
CA SER A 71 -5.59 15.82 -2.36
C SER A 71 -6.05 14.80 -1.34
N ILE A 72 -5.35 14.73 -0.23
CA ILE A 72 -5.74 13.87 0.87
C ILE A 72 -6.01 14.76 2.08
N TYR A 73 -7.13 14.51 2.75
CA TYR A 73 -7.54 15.24 3.94
C TYR A 73 -7.77 14.28 5.09
N GLY A 74 -7.36 14.66 6.31
CA GLY A 74 -7.80 13.92 7.47
C GLY A 74 -9.20 14.35 7.88
N VAL A 75 -9.97 13.41 8.44
CA VAL A 75 -11.34 13.66 8.89
C VAL A 75 -11.40 13.34 10.39
N HIS A 76 -11.95 14.28 11.18
CA HIS A 76 -12.02 14.17 12.64
C HIS A 76 -13.46 14.41 13.10
N ASN A 77 -13.98 13.51 13.92
CA ASN A 77 -15.34 13.65 14.45
C ASN A 77 -15.29 14.57 15.66
N VAL A 78 -15.67 15.84 15.50
CA VAL A 78 -15.45 16.78 16.59
C VAL A 78 -16.56 16.70 17.63
N TYR A 79 -17.79 16.43 17.21
CA TYR A 79 -18.93 16.45 18.11
C TYR A 79 -20.08 15.77 17.41
N LYS A 80 -20.86 14.97 18.15
CA LYS A 80 -21.97 14.19 17.62
C LYS A 80 -21.67 13.68 16.22
N ASP A 81 -22.42 14.10 15.21
CA ASP A 81 -22.17 13.68 13.84
C ASP A 81 -21.57 14.80 12.98
N THR A 82 -20.89 15.74 13.62
CA THR A 82 -20.20 16.82 12.91
C THR A 82 -18.76 16.39 12.66
N ASN A 83 -18.34 16.43 11.39
CA ASN A 83 -17.00 16.01 11.01
C ASN A 83 -16.21 17.22 10.51
N MET A 84 -14.97 17.35 10.97
CA MET A 84 -14.10 18.43 10.50
C MET A 84 -13.03 17.82 9.60
N ARG A 85 -12.72 18.49 8.50
CA ARG A 85 -11.56 18.08 7.71
C ARG A 85 -10.43 19.07 7.94
N GLY A 86 -9.21 18.53 8.06
CA GLY A 86 -8.02 19.37 8.14
C GLY A 86 -7.52 19.83 6.79
N LEU A 87 -6.33 20.43 6.81
CA LEU A 87 -5.74 20.97 5.59
C LEU A 87 -5.40 19.85 4.61
N PRO A 88 -5.40 20.15 3.32
CA PRO A 88 -5.05 19.12 2.34
C PRO A 88 -3.56 18.92 2.18
N LEU A 89 -3.23 17.68 1.86
CA LEU A 89 -1.93 17.31 1.32
C LEU A 89 -2.13 16.96 -0.15
N SER A 90 -1.42 17.63 -1.07
CA SER A 90 -1.75 17.51 -2.49
C SER A 90 -0.55 17.23 -3.36
N ALA A 91 -0.83 16.68 -4.55
CA ALA A 91 0.19 16.44 -5.55
C ALA A 91 -0.45 16.46 -6.93
N ILE A 92 0.38 16.68 -7.95
CA ILE A 92 -0.02 16.62 -9.34
C ILE A 92 0.93 15.62 -10.02
N PHE A 93 0.36 14.70 -10.80
CA PHE A 93 1.14 13.69 -11.52
C PHE A 93 0.46 13.41 -12.85
N THR A 94 1.20 12.78 -13.76
CA THR A 94 0.68 12.42 -15.08
C THR A 94 0.84 10.92 -15.28
N THR A 95 -0.20 10.27 -15.79
CA THR A 95 -0.13 8.83 -16.01
C THR A 95 0.73 8.53 -17.24
N GLY A 96 1.15 7.26 -17.35
CA GLY A 96 1.96 6.84 -18.48
C GLY A 96 1.13 6.47 -19.70
N GLY A 97 1.83 5.93 -20.71
CA GLY A 97 1.17 5.46 -21.91
C GLY A 97 0.81 3.99 -21.84
N MET B 1 15.85 -2.68 -19.68
CA MET B 1 15.93 -3.93 -20.40
C MET B 1 15.74 -5.14 -19.47
N LEU B 2 15.75 -4.85 -18.17
CA LEU B 2 15.66 -5.82 -17.08
C LEU B 2 14.69 -5.26 -16.06
N PRO B 3 14.11 -6.11 -15.20
CA PRO B 3 13.03 -5.66 -14.32
C PRO B 3 13.47 -4.60 -13.32
N ALA B 4 12.51 -3.77 -12.93
CA ALA B 4 12.76 -2.72 -11.95
C ALA B 4 12.84 -3.32 -10.55
N PRO B 5 13.58 -2.67 -9.64
CA PRO B 5 13.44 -2.96 -8.21
C PRO B 5 12.01 -2.68 -7.73
N LYS B 6 11.74 -3.04 -6.48
CA LYS B 6 10.38 -3.01 -5.97
C LYS B 6 10.25 -2.13 -4.72
N ASN B 7 9.02 -1.66 -4.52
CA ASN B 7 8.52 -1.11 -3.25
C ASN B 7 9.34 0.09 -2.75
N LEU B 8 9.31 1.16 -3.55
CA LEU B 8 10.03 2.37 -3.18
C LEU B 8 9.31 3.07 -2.03
N VAL B 9 10.05 3.33 -0.93
CA VAL B 9 9.49 4.02 0.22
C VAL B 9 10.35 5.23 0.49
N VAL B 10 9.70 6.37 0.77
CA VAL B 10 10.39 7.60 1.12
C VAL B 10 10.04 7.93 2.55
N SER B 11 11.05 8.03 3.41
CA SER B 11 10.83 8.26 4.82
C SER B 11 11.86 9.26 5.34
N GLU B 12 11.74 9.60 6.63
CA GLU B 12 12.64 10.53 7.29
C GLU B 12 12.85 11.81 6.46
N VAL B 13 11.74 12.39 5.99
CA VAL B 13 11.79 13.56 5.14
C VAL B 13 11.93 14.81 6.00
N THR B 14 12.99 15.57 5.78
CA THR B 14 13.25 16.83 6.47
C THR B 14 13.16 17.96 5.45
N GLU B 15 13.66 19.13 5.84
CA GLU B 15 13.70 20.23 4.90
C GLU B 15 14.79 20.04 3.85
N ASP B 16 15.77 19.17 4.12
CA ASP B 16 16.91 19.08 3.21
C ASP B 16 17.37 17.64 2.97
N SER B 17 16.54 16.65 3.30
CA SER B 17 17.01 15.27 3.21
C SER B 17 15.80 14.34 3.18
N ALA B 18 16.04 13.12 2.74
CA ALA B 18 15.01 12.08 2.72
C ALA B 18 15.72 10.75 2.60
N ARG B 19 15.11 9.73 3.18
CA ARG B 19 15.63 8.37 3.07
C ARG B 19 14.81 7.57 2.07
N LEU B 20 15.50 6.94 1.12
CA LEU B 20 14.87 6.01 0.19
C LEU B 20 15.10 4.59 0.67
N SER B 21 14.08 3.74 0.46
CA SER B 21 14.14 2.32 0.76
C SER B 21 13.55 1.60 -0.45
N TRP B 22 14.12 0.45 -0.82
CA TRP B 22 13.59 -0.35 -1.92
C TRP B 22 13.97 -1.81 -1.65
N ASP B 23 13.43 -2.72 -2.46
CA ASP B 23 13.83 -4.11 -2.34
C ASP B 23 14.29 -4.68 -3.68
N ASP B 24 15.16 -5.70 -3.60
CA ASP B 24 15.59 -6.47 -4.77
C ASP B 24 15.52 -7.92 -4.32
N PRO B 25 14.36 -8.56 -4.48
CA PRO B 25 14.14 -9.84 -3.81
C PRO B 25 15.11 -10.93 -4.24
N ALA B 26 15.34 -11.08 -5.55
CA ALA B 26 16.25 -12.11 -6.05
C ALA B 26 17.71 -11.81 -5.80
N ALA B 27 18.03 -10.63 -5.24
CA ALA B 27 19.40 -10.12 -5.17
C ALA B 27 20.06 -10.26 -6.54
N PHE B 28 19.33 -9.84 -7.57
CA PHE B 28 19.77 -10.00 -8.96
C PHE B 28 20.79 -8.94 -9.35
N TYR B 29 20.70 -7.74 -8.76
CA TYR B 29 21.52 -6.60 -9.20
C TYR B 29 22.76 -6.44 -8.35
N GLU B 30 23.90 -6.28 -9.02
CA GLU B 30 25.17 -6.10 -8.32
C GLU B 30 25.35 -4.68 -7.77
N SER B 31 24.62 -3.71 -8.31
CA SER B 31 24.59 -2.34 -7.79
C SER B 31 23.34 -1.63 -8.28
N PHE B 32 23.16 -0.38 -7.84
CA PHE B 32 22.03 0.44 -8.22
C PHE B 32 22.52 1.82 -8.61
N LEU B 33 21.69 2.51 -9.38
CA LEU B 33 21.84 3.93 -9.64
C LEU B 33 20.60 4.64 -9.14
N ILE B 34 20.79 5.77 -8.46
CA ILE B 34 19.65 6.58 -8.01
C ILE B 34 19.78 7.92 -8.72
N GLN B 35 18.80 8.23 -9.55
CA GLN B 35 18.73 9.50 -10.25
C GLN B 35 17.66 10.40 -9.62
N TYR B 36 18.01 11.65 -9.31
CA TYR B 36 16.95 12.52 -8.78
C TYR B 36 17.15 13.94 -9.28
N GLN B 37 16.04 14.68 -9.31
CA GLN B 37 16.06 16.05 -9.78
C GLN B 37 14.77 16.73 -9.36
N GLU B 38 14.83 18.05 -9.24
CA GLU B 38 13.62 18.82 -8.99
C GLU B 38 12.61 18.54 -10.09
N SER B 39 11.36 18.30 -9.70
CA SER B 39 10.31 18.04 -10.70
CA SER B 39 10.32 18.03 -10.70
C SER B 39 10.08 19.25 -11.58
N GLU B 40 10.13 20.45 -11.00
CA GLU B 40 9.83 21.69 -11.73
C GLU B 40 11.08 22.31 -12.38
N LYS B 41 12.15 21.55 -12.55
CA LYS B 41 13.35 22.03 -13.23
C LYS B 41 13.71 21.05 -14.34
N VAL B 42 14.18 21.60 -15.47
CA VAL B 42 14.51 20.78 -16.62
C VAL B 42 15.82 20.02 -16.38
N GLY B 43 16.87 20.73 -15.95
CA GLY B 43 18.18 20.15 -15.77
C GLY B 43 18.52 19.89 -14.32
N GLU B 44 19.83 19.85 -14.04
CA GLU B 44 20.37 19.72 -12.68
C GLU B 44 20.06 18.36 -12.07
N ALA B 45 20.21 17.30 -12.85
CA ALA B 45 20.01 15.95 -12.33
C ALA B 45 21.28 15.41 -11.67
N ILE B 46 21.08 14.60 -10.64
CA ILE B 46 22.17 13.95 -9.90
C ILE B 46 21.96 12.45 -9.98
N VAL B 47 23.04 11.72 -10.26
CA VAL B 47 23.00 10.26 -10.33
C VAL B 47 23.97 9.70 -9.29
N LEU B 48 23.45 8.87 -8.40
CA LEU B 48 24.22 8.29 -7.31
C LEU B 48 24.53 6.83 -7.62
N THR B 49 25.76 6.42 -7.30
CA THR B 49 26.19 5.03 -7.41
C THR B 49 26.03 4.34 -6.05
N VAL B 50 25.27 3.25 -6.00
CA VAL B 50 24.99 2.55 -4.73
C VAL B 50 25.42 1.08 -4.79
N PRO B 51 26.12 0.53 -3.79
CA PRO B 51 26.46 -0.91 -3.85
C PRO B 51 25.21 -1.78 -3.79
N GLY B 52 25.36 -2.98 -4.38
CA GLY B 52 24.24 -3.91 -4.48
C GLY B 52 23.78 -4.49 -3.17
N SER B 53 24.59 -4.36 -2.11
CA SER B 53 24.17 -4.82 -0.79
C SER B 53 23.10 -3.92 -0.17
N GLU B 54 22.98 -2.66 -0.61
CA GLU B 54 22.16 -1.69 0.07
C GLU B 54 20.69 -1.81 -0.34
N ARG B 55 19.81 -1.52 0.63
CA ARG B 55 18.37 -1.43 0.42
C ARG B 55 17.80 -0.10 0.87
N SER B 56 18.64 0.84 1.30
CA SER B 56 18.18 2.18 1.62
C SER B 56 19.32 3.15 1.34
N TYR B 57 18.97 4.44 1.27
CA TYR B 57 19.96 5.47 0.98
C TYR B 57 19.41 6.83 1.36
N ASP B 58 20.27 7.67 1.94
CA ASP B 58 19.88 9.02 2.36
C ASP B 58 20.25 10.04 1.30
N LEU B 59 19.25 10.74 0.78
CA LEU B 59 19.44 11.91 -0.08
C LEU B 59 19.68 13.12 0.80
N THR B 60 20.67 13.93 0.46
CA THR B 60 21.00 15.11 1.26
C THR B 60 21.18 16.30 0.33
N GLY B 61 21.37 17.47 0.92
CA GLY B 61 21.57 18.66 0.11
C GLY B 61 20.35 19.09 -0.68
N LEU B 62 19.16 18.71 -0.24
CA LEU B 62 17.94 19.10 -0.93
C LEU B 62 17.50 20.49 -0.47
N LYS B 63 16.61 21.12 -1.26
CA LYS B 63 16.00 22.41 -0.96
C LYS B 63 14.67 22.21 -0.23
N PRO B 64 14.34 23.10 0.71
CA PRO B 64 13.08 22.95 1.44
C PRO B 64 11.86 23.25 0.57
N GLY B 65 10.74 22.64 0.94
CA GLY B 65 9.48 22.87 0.25
C GLY B 65 9.51 22.56 -1.23
N THR B 66 10.29 21.57 -1.64
CA THR B 66 10.59 21.36 -3.06
C THR B 66 10.23 19.96 -3.47
N GLU B 67 9.59 19.84 -4.63
CA GLU B 67 9.22 18.53 -5.16
C GLU B 67 10.33 17.94 -6.01
N TYR B 68 10.61 16.65 -5.78
CA TYR B 68 11.67 15.93 -6.45
C TYR B 68 11.10 14.69 -7.12
N THR B 69 11.69 14.32 -8.25
CA THR B 69 11.39 13.04 -8.88
C THR B 69 12.62 12.16 -8.68
N VAL B 70 12.42 10.91 -8.28
CA VAL B 70 13.55 10.03 -8.05
CA VAL B 70 13.53 10.00 -8.02
C VAL B 70 13.30 8.70 -8.76
N SER B 71 14.37 8.13 -9.32
CA SER B 71 14.30 6.84 -9.98
C SER B 71 15.46 5.98 -9.49
N ILE B 72 15.15 4.73 -9.12
CA ILE B 72 16.17 3.75 -8.77
C ILE B 72 16.24 2.70 -9.86
N TYR B 73 17.45 2.40 -10.33
CA TYR B 73 17.69 1.42 -11.38
C TYR B 73 18.65 0.38 -10.87
N GLY B 74 18.39 -0.88 -11.16
CA GLY B 74 19.39 -1.90 -10.92
C GLY B 74 20.40 -1.96 -12.05
N VAL B 75 21.64 -2.30 -11.69
CA VAL B 75 22.69 -2.56 -12.67
C VAL B 75 23.13 -4.00 -12.51
N HIS B 76 22.96 -4.78 -13.56
CA HIS B 76 23.32 -6.20 -13.56
C HIS B 76 24.66 -6.41 -14.26
N ASN B 77 25.56 -7.15 -13.61
CA ASN B 77 26.86 -7.45 -14.18
C ASN B 77 26.70 -8.67 -15.08
N VAL B 78 26.79 -8.47 -16.39
CA VAL B 78 26.66 -9.59 -17.31
C VAL B 78 27.94 -10.38 -17.35
N TYR B 79 29.05 -9.68 -17.58
CA TYR B 79 30.33 -10.34 -17.71
C TYR B 79 31.44 -9.29 -17.70
N LYS B 80 32.39 -9.43 -16.76
CA LYS B 80 33.54 -8.54 -16.66
C LYS B 80 33.10 -7.08 -16.72
N ASP B 81 33.56 -6.33 -17.71
CA ASP B 81 33.20 -4.91 -17.79
C ASP B 81 31.85 -4.64 -18.45
N THR B 82 31.05 -5.65 -18.79
CA THR B 82 29.76 -5.43 -19.45
C THR B 82 28.67 -5.48 -18.40
N ASN B 83 27.93 -4.38 -18.27
CA ASN B 83 26.83 -4.27 -17.35
C ASN B 83 25.57 -3.88 -18.10
N MET B 84 24.43 -4.14 -17.47
CA MET B 84 23.15 -3.85 -18.08
C MET B 84 22.24 -3.24 -17.03
N ARG B 85 21.81 -2.01 -17.25
CA ARG B 85 20.87 -1.34 -16.36
C ARG B 85 19.45 -1.78 -16.69
N GLY B 86 18.63 -1.99 -15.66
CA GLY B 86 17.24 -2.35 -15.87
C GLY B 86 16.31 -1.15 -15.86
N LEU B 87 15.03 -1.43 -15.71
CA LEU B 87 14.00 -0.42 -15.73
C LEU B 87 13.95 0.37 -14.42
N PRO B 88 13.42 1.59 -14.44
CA PRO B 88 13.37 2.41 -13.22
C PRO B 88 12.19 2.10 -12.30
N LEU B 89 12.48 2.22 -11.01
CA LEU B 89 11.47 2.29 -9.95
C LEU B 89 11.41 3.75 -9.49
N SER B 90 10.26 4.42 -9.70
CA SER B 90 10.20 5.87 -9.59
C SER B 90 9.12 6.35 -8.63
N ALA B 91 9.32 7.56 -8.11
CA ALA B 91 8.37 8.21 -7.22
C ALA B 91 8.59 9.72 -7.23
N ILE B 92 7.59 10.44 -6.72
CA ILE B 92 7.63 11.89 -6.56
CA ILE B 92 7.74 11.87 -6.53
C ILE B 92 7.42 12.17 -5.08
N PHE B 93 8.23 13.05 -4.49
CA PHE B 93 8.05 13.45 -3.08
C PHE B 93 8.44 14.92 -2.95
N THR B 94 8.08 15.51 -1.80
CA THR B 94 8.35 16.92 -1.53
C THR B 94 9.01 17.04 -0.16
N THR B 95 10.08 17.82 -0.07
CA THR B 95 10.73 18.04 1.21
C THR B 95 9.87 18.91 2.14
N GLY B 96 10.18 18.84 3.42
CA GLY B 96 9.54 19.69 4.41
C GLY B 96 9.99 21.13 4.31
N GLY B 97 9.32 21.98 5.09
CA GLY B 97 9.68 23.38 5.17
C GLY B 97 9.04 24.19 4.05
N HIS B 98 9.28 25.49 4.10
CA HIS B 98 8.65 26.41 3.16
C HIS B 98 9.41 26.48 1.83
N MET C 1 4.72 -7.62 27.94
CA MET C 1 5.10 -8.10 26.59
C MET C 1 4.81 -7.08 25.50
N LEU C 2 5.82 -6.66 24.75
CA LEU C 2 5.56 -5.64 23.72
C LEU C 2 4.58 -6.19 22.68
N PRO C 3 3.56 -5.43 22.32
CA PRO C 3 2.40 -5.99 21.61
C PRO C 3 2.68 -6.26 20.14
N ALA C 4 1.97 -7.23 19.63
CA ALA C 4 1.99 -7.45 18.20
C ALA C 4 1.24 -6.31 17.52
N PRO C 5 1.60 -5.97 16.28
CA PRO C 5 0.68 -5.18 15.44
C PRO C 5 -0.66 -5.91 15.34
N LYS C 6 -1.68 -5.21 14.83
CA LYS C 6 -3.02 -5.77 14.78
C LYS C 6 -3.49 -5.96 13.34
N ASN C 7 -4.43 -6.90 13.17
CA ASN C 7 -5.25 -7.03 11.96
C ASN C 7 -4.40 -7.21 10.70
N LEU C 8 -3.64 -8.30 10.65
CA LEU C 8 -2.91 -8.62 9.43
C LEU C 8 -3.89 -9.10 8.36
N VAL C 9 -3.88 -8.44 7.22
CA VAL C 9 -4.75 -8.81 6.10
C VAL C 9 -3.85 -9.14 4.91
N VAL C 10 -4.06 -10.31 4.33
CA VAL C 10 -3.35 -10.72 3.13
C VAL C 10 -4.31 -10.59 1.96
N SER C 11 -3.92 -9.85 0.93
CA SER C 11 -4.83 -9.59 -0.19
C SER C 11 -4.00 -9.53 -1.46
N GLU C 12 -4.67 -9.36 -2.60
CA GLU C 12 -4.02 -9.22 -3.90
C GLU C 12 -3.03 -10.37 -4.15
N VAL C 13 -3.41 -11.59 -3.78
CA VAL C 13 -2.48 -12.70 -3.91
C VAL C 13 -2.46 -13.13 -5.38
N THR C 14 -1.27 -13.16 -5.96
CA THR C 14 -1.14 -13.54 -7.37
C THR C 14 -0.24 -14.77 -7.45
N GLU C 15 0.26 -15.08 -8.65
CA GLU C 15 1.15 -16.22 -8.78
C GLU C 15 2.52 -15.95 -8.17
N ASP C 16 2.88 -14.69 -7.93
CA ASP C 16 4.22 -14.41 -7.43
C ASP C 16 4.25 -13.22 -6.47
N SER C 17 3.10 -12.80 -5.94
CA SER C 17 3.09 -11.66 -5.03
C SER C 17 1.91 -11.75 -4.09
N ALA C 18 1.96 -10.95 -3.03
CA ALA C 18 0.82 -10.80 -2.14
C ALA C 18 1.00 -9.50 -1.40
N ARG C 19 -0.12 -8.86 -1.08
CA ARG C 19 -0.08 -7.62 -0.31
C ARG C 19 -0.37 -7.93 1.15
N LEU C 20 0.48 -7.38 2.03
CA LEU C 20 0.27 -7.42 3.47
C LEU C 20 -0.19 -6.05 3.94
N SER C 21 -1.11 -6.01 4.89
CA SER C 21 -1.58 -4.77 5.52
C SER C 21 -1.71 -5.05 7.01
N TRP C 22 -1.31 -4.09 7.83
CA TRP C 22 -1.44 -4.27 9.28
C TRP C 22 -1.78 -2.91 9.90
N ASP C 23 -2.08 -2.93 11.21
CA ASP C 23 -2.38 -1.73 11.97
C ASP C 23 -1.45 -1.64 13.18
N ASP C 24 -1.04 -0.41 13.54
CA ASP C 24 -0.30 -0.13 14.80
C ASP C 24 -1.04 1.06 15.39
N PRO C 25 -2.15 0.81 16.09
CA PRO C 25 -3.11 1.89 16.31
C PRO C 25 -2.55 3.04 17.11
N ALA C 26 -1.64 2.76 18.06
CA ALA C 26 -0.99 3.82 18.84
C ALA C 26 0.20 4.44 18.13
N ALA C 27 0.57 3.94 16.94
CA ALA C 27 1.75 4.40 16.22
C ALA C 27 2.98 4.36 17.13
N PHE C 28 3.10 3.24 17.85
CA PHE C 28 4.18 3.10 18.82
C PHE C 28 5.52 2.78 18.17
N TYR C 29 5.55 1.91 17.15
CA TYR C 29 6.79 1.29 16.69
C TYR C 29 7.50 2.19 15.68
N GLU C 30 8.82 2.30 15.82
CA GLU C 30 9.55 3.14 14.89
C GLU C 30 9.82 2.46 13.55
N SER C 31 9.76 1.13 13.50
CA SER C 31 9.93 0.38 12.26
C SER C 31 9.27 -0.98 12.45
N PHE C 32 9.14 -1.73 11.35
CA PHE C 32 8.61 -3.08 11.40
C PHE C 32 9.60 -4.01 10.71
N LEU C 33 9.55 -5.26 11.12
CA LEU C 33 10.34 -6.32 10.52
C LEU C 33 9.35 -7.31 9.95
N ILE C 34 9.49 -7.61 8.65
CA ILE C 34 8.70 -8.65 7.99
C ILE C 34 9.61 -9.83 7.69
N GLN C 35 9.18 -11.01 8.12
CA GLN C 35 9.90 -12.25 7.86
C GLN C 35 8.96 -13.18 7.11
N TYR C 36 9.42 -13.74 6.01
CA TYR C 36 8.57 -14.69 5.31
C TYR C 36 9.43 -15.83 4.79
N GLN C 37 8.80 -16.99 4.66
CA GLN C 37 9.49 -18.22 4.29
C GLN C 37 8.47 -19.18 3.71
N GLU C 38 8.92 -19.98 2.74
CA GLU C 38 8.12 -21.13 2.33
C GLU C 38 7.87 -22.03 3.53
N SER C 39 6.60 -22.37 3.76
CA SER C 39 6.23 -23.10 4.97
C SER C 39 6.95 -24.44 5.07
N GLU C 40 7.23 -25.08 3.94
CA GLU C 40 7.83 -26.41 3.93
C GLU C 40 9.35 -26.39 4.04
N LYS C 41 9.96 -25.22 4.26
CA LYS C 41 11.40 -25.11 4.28
C LYS C 41 11.89 -24.62 5.63
N VAL C 42 13.16 -24.91 5.89
CA VAL C 42 13.83 -24.54 7.13
C VAL C 42 15.06 -23.72 6.78
N GLY C 43 15.28 -22.63 7.53
CA GLY C 43 16.51 -21.88 7.39
C GLY C 43 16.65 -21.09 6.11
N GLU C 44 15.54 -20.82 5.42
CA GLU C 44 15.54 -20.01 4.20
C GLU C 44 14.60 -18.82 4.34
N ALA C 45 14.50 -18.25 5.54
CA ALA C 45 13.61 -17.11 5.72
C ALA C 45 14.21 -15.86 5.10
N ILE C 46 13.36 -15.00 4.58
CA ILE C 46 13.75 -13.68 4.09
C ILE C 46 13.28 -12.66 5.10
N VAL C 47 14.11 -11.64 5.37
CA VAL C 47 13.81 -10.63 6.38
C VAL C 47 13.92 -9.25 5.74
N LEU C 48 12.87 -8.44 5.90
CA LEU C 48 12.80 -7.09 5.36
C LEU C 48 12.57 -6.12 6.51
N THR C 49 13.17 -4.94 6.47
CA THR C 49 12.81 -3.89 7.42
C THR C 49 12.02 -2.81 6.68
N VAL C 50 11.02 -2.28 7.35
CA VAL C 50 10.07 -1.34 6.78
CA VAL C 50 10.18 -1.27 6.72
C VAL C 50 9.99 -0.12 7.70
N PRO C 51 10.00 1.12 7.21
CA PRO C 51 9.84 2.26 8.12
C PRO C 51 8.52 2.23 8.89
N GLY C 52 8.55 2.83 10.09
CA GLY C 52 7.39 2.79 10.94
C GLY C 52 6.19 3.56 10.41
N SER C 53 6.39 4.40 9.39
CA SER C 53 5.29 5.12 8.75
C SER C 53 4.40 4.19 7.91
N GLU C 54 4.88 3.00 7.57
CA GLU C 54 4.18 2.09 6.67
C GLU C 54 3.19 1.20 7.40
N ARG C 55 2.11 0.84 6.67
CA ARG C 55 1.09 -0.08 7.16
C ARG C 55 0.80 -1.15 6.12
N SER C 56 1.65 -1.26 5.11
CA SER C 56 1.39 -2.22 4.06
CA SER C 56 1.38 -2.22 4.04
C SER C 56 2.71 -2.55 3.38
N TYR C 57 2.73 -3.69 2.70
CA TYR C 57 3.94 -4.04 1.98
C TYR C 57 3.57 -5.10 0.95
N ASP C 58 4.14 -4.99 -0.25
CA ASP C 58 3.90 -5.96 -1.32
C ASP C 58 5.05 -6.97 -1.38
N LEU C 59 4.77 -8.21 -1.02
CA LEU C 59 5.74 -9.28 -1.21
C LEU C 59 5.80 -9.64 -2.68
N THR C 60 7.01 -9.80 -3.21
CA THR C 60 7.17 -10.08 -4.64
C THR C 60 8.22 -11.15 -4.82
N GLY C 61 8.33 -11.64 -6.05
CA GLY C 61 9.29 -12.70 -6.34
C GLY C 61 8.97 -14.01 -5.66
N LEU C 62 7.73 -14.24 -5.29
CA LEU C 62 7.31 -15.50 -4.69
C LEU C 62 7.18 -16.59 -5.76
N LYS C 63 7.28 -17.83 -5.32
CA LYS C 63 7.07 -18.99 -6.19
C LYS C 63 5.58 -19.27 -6.34
N PRO C 64 5.15 -19.67 -7.55
CA PRO C 64 3.74 -20.02 -7.77
C PRO C 64 3.30 -21.26 -7.01
N GLY C 65 2.00 -21.30 -6.70
CA GLY C 65 1.36 -22.43 -6.04
C GLY C 65 2.06 -22.92 -4.79
N THR C 66 2.62 -22.00 -4.00
CA THR C 66 3.49 -22.30 -2.89
C THR C 66 2.97 -21.67 -1.61
N GLU C 67 2.98 -22.44 -0.52
CA GLU C 67 2.53 -21.94 0.77
C GLU C 67 3.67 -21.23 1.51
N TYR C 68 3.37 -20.00 1.98
CA TYR C 68 4.29 -19.15 2.73
C TYR C 68 3.74 -18.85 4.11
N THR C 69 4.66 -18.71 5.07
CA THR C 69 4.37 -18.18 6.39
C THR C 69 5.01 -16.79 6.46
N VAL C 70 4.27 -15.82 6.98
CA VAL C 70 4.77 -14.46 7.11
C VAL C 70 4.50 -13.97 8.52
N SER C 71 5.45 -13.23 9.09
CA SER C 71 5.29 -12.64 10.40
C SER C 71 5.75 -11.21 10.31
N ILE C 72 5.07 -10.34 11.02
CA ILE C 72 5.43 -8.93 11.12
CA ILE C 72 5.48 -8.95 11.11
C ILE C 72 5.68 -8.63 12.58
N TYR C 73 6.78 -7.96 12.88
CA TYR C 73 7.16 -7.57 14.23
C TYR C 73 7.32 -6.06 14.28
N GLY C 74 6.87 -5.44 15.37
CA GLY C 74 7.28 -4.07 15.64
C GLY C 74 8.66 -4.04 16.27
N VAL C 75 9.44 -3.00 15.95
CA VAL C 75 10.81 -2.81 16.44
C VAL C 75 10.85 -1.49 17.21
N HIS C 76 11.35 -1.54 18.46
CA HIS C 76 11.38 -0.38 19.36
C HIS C 76 12.80 -0.18 19.88
N ASN C 77 13.31 1.05 19.75
CA ASN C 77 14.67 1.34 20.23
C ASN C 77 14.59 1.64 21.73
N VAL C 78 14.95 0.66 22.56
CA VAL C 78 14.68 0.84 23.99
C VAL C 78 15.76 1.68 24.66
N TYR C 79 17.00 1.59 24.20
CA TYR C 79 18.12 2.24 24.87
C TYR C 79 19.31 2.19 23.94
N LYS C 80 20.04 3.31 23.83
CA LYS C 80 21.20 3.42 22.95
C LYS C 80 20.94 2.73 21.61
N ASP C 81 21.73 1.71 21.28
CA ASP C 81 21.48 0.95 20.05
C ASP C 81 20.92 -0.44 20.33
N THR C 82 20.22 -0.61 21.46
CA THR C 82 19.53 -1.85 21.76
C THR C 82 18.11 -1.77 21.19
N ASN C 83 17.77 -2.71 20.31
CA ASN C 83 16.45 -2.75 19.71
C ASN C 83 15.67 -3.94 20.25
N MET C 84 14.41 -3.70 20.57
CA MET C 84 13.51 -4.70 21.11
C MET C 84 12.44 -5.00 20.07
N ARG C 85 12.16 -6.28 19.82
CA ARG C 85 11.04 -6.65 18.96
C ARG C 85 9.86 -7.14 19.78
N GLY C 86 8.66 -6.71 19.42
CA GLY C 86 7.45 -7.17 20.08
C GLY C 86 6.98 -8.51 19.53
N LEU C 87 5.80 -8.93 20.00
CA LEU C 87 5.23 -10.20 19.55
C LEU C 87 4.91 -10.19 18.05
N PRO C 88 4.93 -11.34 17.41
CA PRO C 88 4.61 -11.39 15.98
C PRO C 88 3.12 -11.38 15.69
N LEU C 89 2.80 -10.80 14.55
CA LEU C 89 1.53 -10.96 13.88
C LEU C 89 1.79 -11.81 12.63
N SER C 90 1.09 -12.94 12.49
CA SER C 90 1.49 -13.94 11.48
C SER C 90 0.30 -14.41 10.66
N ALA C 91 0.62 -14.91 9.47
CA ALA C 91 -0.38 -15.53 8.61
C ALA C 91 0.28 -16.54 7.70
N ILE C 92 -0.53 -17.45 7.18
CA ILE C 92 -0.12 -18.43 6.18
C ILE C 92 -1.02 -18.27 4.96
N PHE C 93 -0.41 -18.19 3.77
CA PHE C 93 -1.17 -18.07 2.52
C PHE C 93 -0.47 -18.87 1.43
N THR C 94 -1.19 -19.13 0.34
CA THR C 94 -0.62 -19.84 -0.81
C THR C 94 -0.77 -18.99 -2.06
N THR C 95 0.30 -18.89 -2.84
CA THR C 95 0.25 -18.11 -4.06
C THR C 95 -0.56 -18.85 -5.13
N GLY C 96 -1.00 -18.11 -6.14
CA GLY C 96 -1.75 -18.68 -7.24
C GLY C 96 -0.88 -19.29 -8.31
N GLY C 97 -1.53 -19.72 -9.39
CA GLY C 97 -0.85 -20.25 -10.55
C GLY C 97 -1.32 -19.59 -11.84
N MET D 1 -15.60 -13.21 -15.30
CA MET D 1 -15.45 -12.94 -16.72
C MET D 1 -15.37 -11.44 -17.03
N LEU D 2 -15.45 -10.64 -15.98
CA LEU D 2 -15.30 -9.19 -15.97
C LEU D 2 -14.35 -8.82 -14.84
N PRO D 3 -13.76 -7.62 -14.88
CA PRO D 3 -12.72 -7.28 -13.90
C PRO D 3 -13.22 -7.26 -12.46
N ALA D 4 -12.31 -7.56 -11.54
CA ALA D 4 -12.62 -7.50 -10.12
C ALA D 4 -12.75 -6.05 -9.65
N PRO D 5 -13.49 -5.83 -8.56
CA PRO D 5 -13.36 -4.56 -7.83
C PRO D 5 -11.96 -4.39 -7.26
N LYS D 6 -11.72 -3.22 -6.68
CA LYS D 6 -10.38 -2.84 -6.28
C LYS D 6 -10.30 -2.51 -4.79
N ASN D 7 -9.07 -2.63 -4.27
CA ASN D 7 -8.64 -1.98 -3.03
C ASN D 7 -9.46 -2.45 -1.81
N LEU D 8 -9.40 -3.75 -1.56
CA LEU D 8 -10.12 -4.31 -0.41
C LEU D 8 -9.43 -3.92 0.89
N VAL D 9 -10.19 -3.33 1.80
CA VAL D 9 -9.68 -2.91 3.11
C VAL D 9 -10.56 -3.55 4.17
N VAL D 10 -9.94 -4.12 5.20
CA VAL D 10 -10.69 -4.69 6.32
C VAL D 10 -10.36 -3.85 7.54
N SER D 11 -11.40 -3.28 8.17
CA SER D 11 -11.20 -2.39 9.30
C SER D 11 -12.25 -2.70 10.36
N GLU D 12 -12.18 -1.97 11.48
CA GLU D 12 -13.12 -2.13 12.60
C GLU D 12 -13.30 -3.62 12.96
N VAL D 13 -12.18 -4.32 13.12
CA VAL D 13 -12.20 -5.75 13.39
C VAL D 13 -12.35 -5.96 14.90
N THR D 14 -13.44 -6.61 15.30
CA THR D 14 -13.73 -6.93 16.67
C THR D 14 -13.61 -8.44 16.86
N GLU D 15 -14.12 -8.95 17.99
CA GLU D 15 -14.19 -10.39 18.17
C GLU D 15 -15.26 -11.03 17.30
N ASP D 16 -16.25 -10.27 16.82
CA ASP D 16 -17.35 -10.91 16.10
C ASP D 16 -17.78 -10.14 14.85
N SER D 17 -16.96 -9.20 14.36
CA SER D 17 -17.40 -8.36 13.26
C SER D 17 -16.18 -7.73 12.62
N ALA D 18 -16.38 -7.22 11.40
CA ALA D 18 -15.35 -6.56 10.63
C ALA D 18 -16.04 -5.76 9.54
N ARG D 19 -15.45 -4.61 9.21
CA ARG D 19 -15.96 -3.79 8.10
C ARG D 19 -15.10 -4.00 6.86
N LEU D 20 -15.74 -4.30 5.74
CA LEU D 20 -15.09 -4.36 4.44
C LEU D 20 -15.32 -3.06 3.70
N SER D 21 -14.29 -2.61 2.97
CA SER D 21 -14.37 -1.47 2.06
C SER D 21 -13.72 -1.87 0.74
N TRP D 22 -14.28 -1.38 -0.36
CA TRP D 22 -13.72 -1.65 -1.68
C TRP D 22 -14.07 -0.48 -2.60
N ASP D 23 -13.46 -0.45 -3.78
CA ASP D 23 -13.77 0.58 -4.76
C ASP D 23 -14.29 -0.03 -6.07
N ASP D 24 -15.15 0.71 -6.76
CA ASP D 24 -15.59 0.36 -8.12
C ASP D 24 -15.46 1.67 -8.88
N PRO D 25 -14.30 1.92 -9.48
CA PRO D 25 -14.03 3.26 -10.03
C PRO D 25 -15.00 3.66 -11.13
N ALA D 26 -15.25 2.78 -12.10
CA ALA D 26 -16.13 3.13 -13.21
C ALA D 26 -17.59 3.13 -12.82
N ALA D 27 -17.92 2.79 -11.57
CA ALA D 27 -19.29 2.48 -11.17
C ALA D 27 -19.90 1.52 -12.19
N PHE D 28 -19.12 0.50 -12.55
CA PHE D 28 -19.52 -0.45 -13.60
C PHE D 28 -20.57 -1.43 -13.10
N TYR D 29 -20.50 -1.81 -11.83
CA TYR D 29 -21.33 -2.89 -11.29
C TYR D 29 -22.62 -2.38 -10.66
N GLU D 30 -23.73 -2.99 -11.05
CA GLU D 30 -25.03 -2.62 -10.50
C GLU D 30 -25.25 -3.19 -9.09
N SER D 31 -24.49 -4.20 -8.70
CA SER D 31 -24.52 -4.76 -7.34
C SER D 31 -23.28 -5.60 -7.11
N PHE D 32 -23.13 -6.10 -5.88
CA PHE D 32 -21.99 -6.91 -5.50
C PHE D 32 -22.48 -8.13 -4.73
N LEU D 33 -21.64 -9.16 -4.73
CA LEU D 33 -21.80 -10.32 -3.83
C LEU D 33 -20.58 -10.40 -2.94
N ILE D 34 -20.81 -10.67 -1.66
CA ILE D 34 -19.69 -10.87 -0.72
C ILE D 34 -19.81 -12.29 -0.20
N GLN D 35 -18.82 -13.10 -0.51
CA GLN D 35 -18.75 -14.47 -0.04
C GLN D 35 -17.68 -14.58 1.05
N TYR D 36 -18.03 -15.18 2.19
CA TYR D 36 -17.00 -15.40 3.21
C TYR D 36 -17.22 -16.74 3.89
N GLN D 37 -16.13 -17.29 4.43
CA GLN D 37 -16.16 -18.56 5.13
C GLN D 37 -14.90 -18.67 5.96
N GLU D 38 -14.96 -19.49 7.01
CA GLU D 38 -13.75 -19.77 7.76
C GLU D 38 -12.72 -20.43 6.85
N SER D 39 -11.47 -19.94 6.93
CA SER D 39 -10.39 -20.51 6.12
C SER D 39 -10.16 -21.99 6.46
N GLU D 40 -10.22 -22.36 7.74
CA GLU D 40 -9.96 -23.73 8.19
C GLU D 40 -11.24 -24.56 8.31
N LYS D 41 -12.18 -24.37 7.38
CA LYS D 41 -13.42 -25.15 7.35
C LYS D 41 -13.80 -25.45 5.91
N GLU D 44 -19.06 -24.12 5.23
CA GLU D 44 -20.13 -23.27 5.75
C GLU D 44 -20.04 -21.84 5.24
N ALA D 45 -20.26 -21.65 3.93
CA ALA D 45 -20.05 -20.35 3.32
C ALA D 45 -21.32 -19.50 3.32
N ILE D 46 -21.13 -18.20 3.40
CA ILE D 46 -22.22 -17.23 3.37
C ILE D 46 -22.00 -16.27 2.22
N VAL D 47 -23.06 -15.99 1.47
CA VAL D 47 -22.99 -15.07 0.33
C VAL D 47 -23.96 -13.94 0.58
N LEU D 48 -23.46 -12.72 0.60
CA LEU D 48 -24.27 -11.54 0.88
C LEU D 48 -24.57 -10.79 -0.41
N THR D 49 -25.79 -10.28 -0.52
CA THR D 49 -26.21 -9.43 -1.63
C THR D 49 -26.09 -7.95 -1.21
N VAL D 50 -25.36 -7.17 -2.00
CA VAL D 50 -25.07 -5.78 -1.65
C VAL D 50 -25.47 -4.84 -2.80
N PRO D 51 -26.20 -3.75 -2.58
CA PRO D 51 -26.52 -2.84 -3.68
C PRO D 51 -25.26 -2.19 -4.24
N GLY D 52 -25.34 -1.81 -5.52
CA GLY D 52 -24.19 -1.28 -6.24
C GLY D 52 -23.75 0.10 -5.80
N SER D 53 -24.60 0.80 -5.03
CA SER D 53 -24.22 2.09 -4.47
C SER D 53 -23.21 1.96 -3.33
N GLU D 54 -23.10 0.78 -2.72
CA GLU D 54 -22.30 0.64 -1.51
C GLU D 54 -20.83 0.43 -1.83
N ARG D 55 -19.97 1.00 -0.96
CA ARG D 55 -18.53 0.80 -1.01
C ARG D 55 -17.99 0.25 0.30
N SER D 56 -18.86 -0.08 1.25
CA SER D 56 -18.40 -0.72 2.48
C SER D 56 -19.53 -1.59 2.99
N TYR D 57 -19.20 -2.49 3.92
CA TYR D 57 -20.19 -3.43 4.43
C TYR D 57 -19.67 -4.06 5.71
N ASP D 58 -20.57 -4.19 6.71
CA ASP D 58 -20.24 -4.80 8.00
C ASP D 58 -20.58 -6.27 8.03
N LEU D 59 -19.58 -7.10 8.29
CA LEU D 59 -19.75 -8.52 8.55
C LEU D 59 -19.99 -8.70 10.04
N THR D 60 -21.00 -9.50 10.38
CA THR D 60 -21.37 -9.71 11.76
C THR D 60 -21.52 -11.20 12.01
N GLY D 61 -21.70 -11.56 13.27
CA GLY D 61 -21.90 -12.95 13.60
C GLY D 61 -20.68 -13.82 13.39
N LEU D 62 -19.48 -13.24 13.39
CA LEU D 62 -18.27 -14.03 13.26
C LEU D 62 -17.86 -14.58 14.62
N LYS D 63 -16.95 -15.61 14.58
CA LYS D 63 -16.36 -16.31 15.72
C LYS D 63 -15.05 -15.61 16.10
N PRO D 64 -14.74 -15.46 17.38
CA PRO D 64 -13.49 -14.78 17.76
C PRO D 64 -12.26 -15.62 17.47
N GLY D 65 -11.13 -14.93 17.33
CA GLY D 65 -9.85 -15.58 17.05
C GLY D 65 -9.86 -16.49 15.86
N THR D 66 -10.63 -16.14 14.83
CA THR D 66 -10.90 -17.05 13.71
C THR D 66 -10.53 -16.40 12.39
N GLU D 67 -9.84 -17.15 11.54
CA GLU D 67 -9.44 -16.66 10.24
C GLU D 67 -10.52 -16.90 9.20
N TYR D 68 -10.82 -15.88 8.42
CA TYR D 68 -11.86 -15.90 7.40
C TYR D 68 -11.25 -15.57 6.05
N THR D 69 -11.80 -16.16 4.99
CA THR D 69 -11.47 -15.78 3.62
C THR D 69 -12.70 -15.06 3.07
N VAL D 70 -12.49 -13.92 2.42
CA VAL D 70 -13.63 -13.14 1.91
C VAL D 70 -13.37 -12.78 0.46
N SER D 71 -14.42 -12.84 -0.37
CA SER D 71 -14.31 -12.46 -1.77
C SER D 71 -15.46 -11.53 -2.10
N ILE D 72 -15.15 -10.42 -2.75
CA ILE D 72 -16.16 -9.50 -3.26
C ILE D 72 -16.19 -9.62 -4.78
N TYR D 73 -17.39 -9.80 -5.34
CA TYR D 73 -17.60 -9.90 -6.78
C TYR D 73 -18.55 -8.81 -7.21
N GLY D 74 -18.25 -8.17 -8.34
CA GLY D 74 -19.23 -7.29 -8.96
C GLY D 74 -20.22 -8.08 -9.78
N VAL D 75 -21.47 -7.59 -9.82
CA VAL D 75 -22.50 -8.18 -10.68
C VAL D 75 -22.94 -7.11 -11.67
N HIS D 76 -22.75 -7.39 -12.97
CA HIS D 76 -23.07 -6.46 -14.03
C HIS D 76 -24.40 -6.83 -14.69
N ASN D 77 -25.30 -5.86 -14.79
CA ASN D 77 -26.59 -6.11 -15.41
C ASN D 77 -26.41 -5.94 -16.91
N VAL D 78 -26.47 -7.04 -17.65
CA VAL D 78 -26.28 -6.96 -19.09
C VAL D 78 -27.55 -6.46 -19.76
N TYR D 79 -28.66 -7.09 -19.44
CA TYR D 79 -29.93 -6.75 -20.05
C TYR D 79 -31.03 -7.47 -19.29
N LYS D 80 -32.02 -6.72 -18.78
CA LYS D 80 -33.17 -7.27 -18.10
C LYS D 80 -32.77 -8.29 -17.03
N ASP D 81 -33.22 -9.54 -17.14
CA ASP D 81 -32.89 -10.52 -16.12
CA ASP D 81 -32.90 -10.54 -16.13
C ASP D 81 -31.53 -11.17 -16.31
N THR D 82 -30.70 -10.69 -17.23
CA THR D 82 -29.41 -11.31 -17.51
C THR D 82 -28.31 -10.50 -16.84
N ASN D 83 -27.62 -11.15 -15.92
CA ASN D 83 -26.53 -10.55 -15.18
C ASN D 83 -25.27 -11.37 -15.40
N MET D 84 -24.14 -10.74 -15.13
CA MET D 84 -22.84 -11.38 -15.31
C MET D 84 -21.95 -11.00 -14.15
N ARG D 85 -21.49 -11.99 -13.40
CA ARG D 85 -20.58 -11.76 -12.28
C ARG D 85 -19.15 -11.66 -12.79
N GLY D 86 -18.37 -10.73 -12.25
CA GLY D 86 -16.97 -10.61 -12.61
C GLY D 86 -16.07 -11.41 -11.67
N LEU D 87 -14.77 -11.14 -11.78
CA LEU D 87 -13.75 -11.82 -11.01
C LEU D 87 -13.75 -11.38 -9.54
N PRO D 88 -13.24 -12.22 -8.64
CA PRO D 88 -13.24 -11.89 -7.22
C PRO D 88 -12.09 -10.99 -6.79
N LEU D 89 -12.39 -10.13 -5.80
CA LEU D 89 -11.40 -9.37 -5.04
C LEU D 89 -11.35 -10.01 -3.66
N SER D 90 -10.21 -10.63 -3.30
CA SER D 90 -10.20 -11.52 -2.14
C SER D 90 -9.16 -11.09 -1.12
N ALA D 91 -9.39 -11.51 0.13
CA ALA D 91 -8.47 -11.25 1.24
C ALA D 91 -8.70 -12.28 2.35
N ILE D 92 -7.71 -12.41 3.22
CA ILE D 92 -7.75 -13.25 4.41
CA ILE D 92 -7.86 -13.22 4.43
C ILE D 92 -7.57 -12.33 5.61
N PHE D 93 -8.38 -12.49 6.65
CA PHE D 93 -8.25 -11.71 7.88
C PHE D 93 -8.68 -12.60 9.04
N THR D 94 -8.32 -12.18 10.27
CA THR D 94 -8.65 -12.91 11.48
C THR D 94 -9.34 -11.98 12.48
N THR D 95 -10.42 -12.45 13.09
CA THR D 95 -11.10 -11.64 14.11
C THR D 95 -10.27 -11.53 15.38
N GLY D 96 -10.61 -10.53 16.20
CA GLY D 96 -10.00 -10.37 17.51
C GLY D 96 -10.45 -11.43 18.50
N GLY D 97 -9.81 -11.41 19.65
CA GLY D 97 -10.15 -12.34 20.73
C GLY D 97 -9.46 -13.68 20.52
N HIS D 98 -9.77 -14.62 21.39
CA HIS D 98 -9.10 -15.93 21.37
C HIS D 98 -9.93 -16.99 20.62
C1 GOL E . -12.03 2.27 0.44
O1 GOL E . -11.38 1.08 0.04
C2 GOL E . -13.17 2.53 -0.55
O2 GOL E . -13.07 3.80 -1.16
C3 GOL E . -14.56 2.27 0.05
O3 GOL E . -14.93 3.09 1.14
C1 GOL F . -5.06 -3.99 7.82
O1 GOL F . -4.76 -3.98 9.20
C2 GOL F . -5.44 -2.55 7.45
O2 GOL F . -5.48 -2.40 6.05
C3 GOL F . -4.49 -1.52 8.09
O3 GOL F . -3.36 -1.27 7.25
#